data_4OUC
#
_entry.id   4OUC
#
_cell.length_a   50.540
_cell.length_b   79.130
_cell.length_c   100.760
_cell.angle_alpha   90.00
_cell.angle_beta   90.00
_cell.angle_gamma   90.00
#
_symmetry.space_group_name_H-M   'P 21 21 21'
#
loop_
_entity.id
_entity.type
_entity.pdbx_description
1 polymer 'Serine/threonine-protein kinase haspin'
2 polymer 'Histone H3.2'
3 non-polymer 'SODIUM ION'
4 non-polymer 1,2-ETHANEDIOL
5 non-polymer (2R,3R,4S,5R)-2-(4-AMINO-5-IODO-7H-PYRROLO[2,3-D]PYRIMIDIN-7-YL)-5-(HYDROXYMETHYL)TETRAHYDROFURAN-3,4-DIOL
6 non-polymer 'IODIDE ION'
7 water water
#
loop_
_entity_poly.entity_id
_entity_poly.type
_entity_poly.pdbx_seq_one_letter_code
_entity_poly.pdbx_strand_id
1 'polypeptide(L)'
;MHHHHHHSSGVDLGTENLYFQSMGECSQKGPVPFSHCLPTEKLQRCEKIGEGVFGEVFQTIADHTPVAIKIIAIEGPDLV
NGSHQKTFEEILPEIIISKELSLLSGEVCNRTEGFIGLNSVHCVQGSYPPLLLKAWDHYNSTKGSANDRPDFFKDDQLFI
VLEFEFGGIDLEQMRTKLSSLATAKSILHQLTASLAVAEASLRFEHRDLHWGNVLLKKTSLKKLHYTLNGKSSTIPSCGL
QVSIIDYTLSRLERDGIVVFCDVSMDEDLFTGDGDYQFDIYRLMKKENNNRWGEYHPYSNVLWLHYLTDKMLKQMTFKTK
CNTPAMKQIKRKIQEFHRTMLNFSSATDLLCQHSLFK
;
A
2 'polypeptide(L)' ARTKQTARKSTY B
#
# COMPACT_ATOMS: atom_id res chain seq x y z
N LYS A 29 -23.88 8.91 18.20
CA LYS A 29 -22.92 10.07 18.29
C LYS A 29 -23.14 11.04 17.11
N GLY A 30 -22.85 10.55 15.90
CA GLY A 30 -22.92 11.35 14.70
C GLY A 30 -21.56 11.89 14.35
N PRO A 31 -21.47 12.56 13.21
CA PRO A 31 -20.21 13.06 12.74
C PRO A 31 -19.69 14.29 13.46
N VAL A 32 -18.48 14.68 13.07
CA VAL A 32 -17.81 15.84 13.63
C VAL A 32 -17.38 16.72 12.49
N PRO A 33 -17.20 18.01 12.75
CA PRO A 33 -16.65 18.91 11.71
C PRO A 33 -15.22 18.61 11.30
N PHE A 34 -14.79 19.02 10.10
CA PHE A 34 -13.40 18.83 9.73
C PHE A 34 -12.43 19.38 10.80
N SER A 35 -12.81 20.50 11.41
CA SER A 35 -12.02 21.15 12.49
C SER A 35 -11.67 20.21 13.66
N HIS A 36 -12.47 19.17 13.85
CA HIS A 36 -12.17 18.21 14.89
C HIS A 36 -10.91 17.37 14.62
N CYS A 37 -10.77 16.92 13.38
CA CYS A 37 -9.65 16.13 12.92
C CYS A 37 -8.48 17.03 12.58
N LEU A 38 -8.80 18.25 12.15
CA LEU A 38 -7.81 19.20 11.61
C LEU A 38 -7.96 20.56 12.22
N PRO A 39 -7.63 20.70 13.52
CA PRO A 39 -7.64 22.04 14.11
C PRO A 39 -6.65 22.94 13.37
N THR A 40 -6.73 24.23 13.66
CA THR A 40 -6.08 25.26 12.87
C THR A 40 -4.66 24.92 12.47
N GLU A 41 -3.83 24.65 13.45
CA GLU A 41 -2.42 24.44 13.16
C GLU A 41 -2.19 23.19 12.28
N LYS A 42 -2.90 22.10 12.56
CA LYS A 42 -2.81 20.84 11.80
C LYS A 42 -3.29 21.00 10.33
N LEU A 43 -4.37 21.76 10.17
CA LEU A 43 -4.91 22.08 8.89
C LEU A 43 -3.93 22.94 8.10
N GLN A 44 -3.40 23.98 8.74
CA GLN A 44 -2.41 24.83 8.07
C GLN A 44 -1.19 24.11 7.53
N ARG A 45 -0.83 22.99 8.15
CA ARG A 45 0.34 22.25 7.76
C ARG A 45 0.04 21.14 6.75
N CYS A 46 -1.22 20.97 6.37
CA CYS A 46 -1.60 19.89 5.43
C CYS A 46 -0.99 20.16 4.06
N GLU A 47 -0.43 19.14 3.46
CA GLU A 47 0.06 19.22 2.10
C GLU A 47 -0.39 17.98 1.39
N LYS A 48 -0.83 18.09 0.13
CA LYS A 48 -1.25 16.87 -0.54
C LYS A 48 -0.07 16.04 -0.93
N ILE A 49 -0.17 14.74 -0.65
CA ILE A 49 0.88 13.78 -1.01
C ILE A 49 0.42 12.60 -1.92
N GLY A 50 -0.86 12.44 -2.16
CA GLY A 50 -1.32 11.38 -3.07
C GLY A 50 -2.81 11.37 -3.24
N GLU A 51 -3.28 10.49 -4.11
CA GLU A 51 -4.65 10.44 -4.48
C GLU A 51 -5.00 9.06 -5.04
N GLY A 52 -6.27 8.81 -5.15
CA GLY A 52 -6.80 7.68 -5.93
C GLY A 52 -8.26 7.96 -6.21
N VAL A 53 -8.93 7.01 -6.87
CA VAL A 53 -10.34 7.16 -7.03
C VAL A 53 -11.04 7.45 -5.68
N PHE A 54 -10.52 6.90 -4.60
CA PHE A 54 -11.10 7.06 -3.25
C PHE A 54 -11.17 8.44 -2.70
N GLY A 55 -10.29 9.31 -3.17
CA GLY A 55 -10.19 10.64 -2.67
C GLY A 55 -8.74 11.09 -2.59
N GLU A 56 -8.36 11.62 -1.43
CA GLU A 56 -7.17 12.43 -1.32
C GLU A 56 -6.36 12.06 -0.08
N VAL A 57 -5.03 12.21 -0.14
CA VAL A 57 -4.16 11.95 0.99
C VAL A 57 -3.31 13.20 1.24
N PHE A 58 -3.37 13.72 2.46
CA PHE A 58 -2.63 14.88 2.92
C PHE A 58 -1.63 14.47 4.00
N GLN A 59 -0.45 15.05 3.98
CA GLN A 59 0.49 14.88 5.09
C GLN A 59 0.36 16.11 6.01
N THR A 60 0.43 15.90 7.31
CA THR A 60 0.49 17.00 8.24
C THR A 60 1.26 16.48 9.46
N ILE A 61 1.09 17.16 10.60
CA ILE A 61 1.93 16.86 11.71
C ILE A 61 1.10 17.11 12.93
N ALA A 62 1.25 16.21 13.89
CA ALA A 62 0.63 16.38 15.18
C ALA A 62 1.54 15.80 16.27
N ASP A 63 1.62 16.47 17.42
CA ASP A 63 2.55 16.13 18.49
C ASP A 63 3.92 15.85 17.87
N HIS A 64 4.39 16.81 17.05
CA HIS A 64 5.73 16.79 16.43
C HIS A 64 5.98 15.57 15.51
N THR A 65 4.91 14.91 15.09
CA THR A 65 5.05 13.67 14.37
C THR A 65 4.27 13.71 13.08
N PRO A 66 4.93 13.44 11.95
CA PRO A 66 4.21 13.44 10.69
C PRO A 66 3.10 12.37 10.63
N VAL A 67 2.00 12.69 9.96
CA VAL A 67 0.92 11.74 9.73
C VAL A 67 0.38 11.93 8.32
N ALA A 68 -0.32 10.91 7.83
CA ALA A 68 -0.98 10.94 6.55
C ALA A 68 -2.47 10.77 6.80
N ILE A 69 -3.26 11.62 6.13
CA ILE A 69 -4.69 11.70 6.32
C ILE A 69 -5.35 11.36 4.99
N LYS A 70 -6.15 10.30 4.98
CA LYS A 70 -6.81 9.83 3.84
C LYS A 70 -8.29 10.24 3.98
N ILE A 71 -8.81 10.94 3.00
CA ILE A 71 -10.18 11.48 3.09
C ILE A 71 -11.02 10.94 1.95
N ILE A 72 -12.08 10.21 2.31
CA ILE A 72 -12.96 9.48 1.40
C ILE A 72 -14.41 10.03 1.56
N ALA A 73 -14.95 10.63 0.53
CA ALA A 73 -16.35 11.04 0.55
C ALA A 73 -17.25 9.80 0.60
N ILE A 74 -18.26 9.84 1.46
CA ILE A 74 -19.24 8.76 1.54
C ILE A 74 -20.70 9.22 1.53
N GLU A 75 -21.57 8.31 1.08
CA GLU A 75 -23.05 8.39 1.22
C GLU A 75 -23.75 9.46 0.39
N GLY A 76 -23.01 10.19 -0.42
CA GLY A 76 -23.60 11.25 -1.24
C GLY A 76 -23.86 10.81 -2.68
N PRO A 77 -24.61 11.65 -3.43
CA PRO A 77 -25.01 11.31 -4.80
C PRO A 77 -24.03 11.66 -5.89
N ASP A 78 -23.10 12.59 -5.66
CA ASP A 78 -22.21 13.06 -6.71
C ASP A 78 -21.24 11.95 -7.13
N LEU A 79 -21.04 11.77 -8.43
CA LEU A 79 -19.87 10.99 -8.87
C LEU A 79 -18.62 11.65 -8.33
N VAL A 80 -17.66 10.84 -7.85
CA VAL A 80 -16.39 11.37 -7.39
C VAL A 80 -15.29 10.59 -8.12
N ASN A 81 -14.50 11.31 -8.91
CA ASN A 81 -13.40 10.70 -9.64
C ASN A 81 -13.88 9.58 -10.56
N GLY A 82 -15.04 9.79 -11.16
CA GLY A 82 -15.63 8.80 -12.06
C GLY A 82 -16.47 7.71 -11.44
N SER A 83 -16.54 7.62 -10.11
CA SER A 83 -17.28 6.51 -9.44
C SER A 83 -18.24 7.05 -8.42
N HIS A 84 -19.21 6.22 -8.07
CA HIS A 84 -20.16 6.57 -7.05
C HIS A 84 -19.47 6.43 -5.72
N GLN A 85 -19.91 7.23 -4.77
CA GLN A 85 -19.36 7.16 -3.46
C GLN A 85 -19.81 5.89 -2.77
N LYS A 86 -18.90 5.30 -2.00
CA LYS A 86 -19.24 4.21 -1.11
C LYS A 86 -20.18 4.63 0.02
N THR A 87 -20.94 3.66 0.49
CA THR A 87 -21.72 3.77 1.71
C THR A 87 -20.81 3.54 2.90
N PHE A 88 -21.29 3.80 4.11
CA PHE A 88 -20.52 3.50 5.30
C PHE A 88 -20.26 1.95 5.34
N GLU A 89 -21.22 1.14 4.98
CA GLU A 89 -21.00 -0.32 5.03
C GLU A 89 -19.88 -0.75 4.08
N GLU A 90 -19.80 -0.11 2.91
CA GLU A 90 -18.84 -0.49 1.89
C GLU A 90 -17.41 -0.07 2.27
N ILE A 91 -17.27 0.89 3.19
CA ILE A 91 -15.97 1.37 3.58
C ILE A 91 -15.45 0.60 4.78
N LEU A 92 -16.34 -0.08 5.51
CA LEU A 92 -15.93 -0.87 6.69
C LEU A 92 -14.82 -1.91 6.49
N PRO A 93 -14.86 -2.64 5.35
CA PRO A 93 -13.82 -3.61 5.15
C PRO A 93 -12.40 -2.98 5.13
N GLU A 94 -12.22 -1.89 4.42
CA GLU A 94 -10.94 -1.18 4.45
C GLU A 94 -10.53 -0.84 5.90
N ILE A 95 -11.47 -0.31 6.69
CA ILE A 95 -11.19 0.08 8.05
C ILE A 95 -10.79 -1.14 8.87
N ILE A 96 -11.54 -2.21 8.74
CA ILE A 96 -11.23 -3.41 9.52
C ILE A 96 -9.84 -3.95 9.19
N ILE A 97 -9.54 -4.04 7.90
CA ILE A 97 -8.28 -4.57 7.47
C ILE A 97 -7.12 -3.63 7.87
N SER A 98 -7.35 -2.35 7.79
CA SER A 98 -6.32 -1.36 8.21
C SER A 98 -6.02 -1.58 9.69
N LYS A 99 -7.04 -1.79 10.50
CA LYS A 99 -6.80 -2.03 11.90
C LYS A 99 -6.05 -3.33 12.19
N GLU A 100 -6.47 -4.44 11.54
CA GLU A 100 -5.80 -5.72 11.77
C GLU A 100 -4.34 -5.67 11.38
N LEU A 101 -4.03 -5.04 10.24
CA LEU A 101 -2.66 -4.99 9.79
C LEU A 101 -1.79 -4.11 10.71
N SER A 102 -2.35 -3.00 11.14
CA SER A 102 -1.70 -2.09 12.12
C SER A 102 -1.39 -2.81 13.41
N LEU A 103 -2.34 -3.62 13.86
CA LEU A 103 -2.14 -4.46 15.03
C LEU A 103 -0.99 -5.48 15.03
N LEU A 104 -0.56 -5.92 13.84
CA LEU A 104 0.56 -6.89 13.72
C LEU A 104 1.87 -6.37 14.30
N SER A 105 2.03 -5.07 14.45
CA SER A 105 3.29 -4.54 15.00
C SER A 105 3.38 -4.88 16.49
N GLY A 106 2.25 -5.24 17.07
CA GLY A 106 2.12 -5.46 18.51
C GLY A 106 1.87 -6.88 18.91
N GLU A 107 1.75 -7.79 17.95
CA GLU A 107 1.45 -9.20 18.22
C GLU A 107 2.73 -9.97 18.56
N VAL A 108 2.56 -11.22 18.95
CA VAL A 108 3.68 -12.03 19.38
C VAL A 108 4.11 -13.12 18.38
N CYS A 109 3.20 -14.02 18.05
CA CYS A 109 3.50 -15.19 17.21
CA CYS A 109 3.53 -15.17 17.20
C CYS A 109 3.79 -14.76 15.77
N ASN A 110 2.96 -13.83 15.29
CA ASN A 110 3.08 -13.26 13.95
C ASN A 110 3.10 -11.74 14.04
N ARG A 111 4.30 -11.18 13.86
CA ARG A 111 4.60 -9.76 14.16
C ARG A 111 5.37 -9.16 13.04
N THR A 112 4.96 -7.97 12.59
CA THR A 112 5.76 -7.22 11.65
C THR A 112 5.32 -5.79 11.73
N GLU A 113 6.27 -4.87 11.52
CA GLU A 113 5.97 -3.44 11.32
C GLU A 113 5.87 -3.01 9.83
N GLY A 114 5.72 -4.00 8.95
CA GLY A 114 5.86 -3.75 7.53
C GLY A 114 4.57 -3.26 6.87
N PHE A 115 3.51 -3.11 7.66
CA PHE A 115 2.33 -2.45 7.10
C PHE A 115 2.42 -0.98 7.52
N ILE A 116 1.26 -0.40 7.84
CA ILE A 116 1.21 0.98 8.30
C ILE A 116 0.36 1.12 9.55
N GLY A 117 0.79 1.96 10.47
CA GLY A 117 0.05 2.24 11.66
C GLY A 117 -1.23 3.00 11.34
N LEU A 118 -2.33 2.55 11.94
CA LEU A 118 -3.59 3.31 11.85
C LEU A 118 -3.82 4.06 13.16
N ASN A 119 -3.86 5.38 13.11
CA ASN A 119 -4.07 6.14 14.36
C ASN A 119 -5.53 6.29 14.78
N SER A 120 -6.38 6.61 13.82
CA SER A 120 -7.78 6.93 14.14
C SER A 120 -8.60 6.92 12.86
N VAL A 121 -9.90 6.76 13.03
CA VAL A 121 -10.89 6.87 11.94
C VAL A 121 -12.01 7.78 12.48
N HIS A 122 -12.47 8.74 11.65
CA HIS A 122 -13.57 9.63 12.02
C HIS A 122 -14.53 9.75 10.88
N CYS A 123 -15.78 9.99 11.23
CA CYS A 123 -16.80 10.39 10.25
C CYS A 123 -16.96 11.89 10.37
N VAL A 124 -16.65 12.58 9.28
CA VAL A 124 -16.57 13.97 9.25
C VAL A 124 -17.66 14.53 8.34
N GLN A 125 -18.19 15.71 8.70
CA GLN A 125 -19.23 16.38 7.89
C GLN A 125 -18.83 17.79 7.54
N GLY A 126 -18.96 18.14 6.28
CA GLY A 126 -18.76 19.48 5.83
C GLY A 126 -18.49 19.56 4.33
N SER A 127 -18.40 20.78 3.85
CA SER A 127 -17.82 20.97 2.57
C SER A 127 -16.29 20.91 2.73
N TYR A 128 -15.56 20.78 1.64
CA TYR A 128 -14.10 20.66 1.74
C TYR A 128 -13.47 21.92 2.30
N PRO A 129 -12.56 21.77 3.27
CA PRO A 129 -11.93 22.96 3.85
C PRO A 129 -11.14 23.73 2.77
N PRO A 130 -11.27 25.07 2.74
CA PRO A 130 -10.59 25.87 1.74
C PRO A 130 -9.08 25.68 1.69
N LEU A 131 -8.47 25.48 2.86
CA LEU A 131 -7.04 25.20 2.93
C LEU A 131 -6.65 23.87 2.29
N LEU A 132 -7.49 22.86 2.40
CA LEU A 132 -7.23 21.58 1.70
C LEU A 132 -7.41 21.73 0.17
N LEU A 133 -8.31 22.62 -0.26
CA LEU A 133 -8.54 22.90 -1.70
C LEU A 133 -7.35 23.63 -2.25
N LYS A 134 -6.76 24.53 -1.47
CA LYS A 134 -5.52 25.20 -1.89
C LYS A 134 -4.38 24.17 -2.00
N ALA A 135 -4.31 23.24 -1.06
CA ALA A 135 -3.26 22.23 -1.10
C ALA A 135 -3.45 21.32 -2.32
N TRP A 136 -4.71 20.93 -2.57
CA TRP A 136 -5.14 20.21 -3.76
C TRP A 136 -4.66 20.91 -5.03
N ASP A 137 -4.92 22.22 -5.09
CA ASP A 137 -4.55 23.02 -6.22
C ASP A 137 -3.03 23.02 -6.42
N HIS A 138 -2.27 23.08 -5.32
CA HIS A 138 -0.81 23.14 -5.43
C HIS A 138 -0.22 21.84 -6.03
N TYR A 139 -0.75 20.71 -5.60
CA TYR A 139 -0.40 19.41 -6.15
C TYR A 139 -0.74 19.29 -7.61
N ASN A 140 -1.95 19.74 -7.98
CA ASN A 140 -2.43 19.66 -9.34
C ASN A 140 -1.51 20.51 -10.25
N SER A 141 -1.03 21.65 -9.76
CA SER A 141 -0.11 22.48 -10.54
C SER A 141 1.31 21.96 -10.66
N THR A 142 1.74 21.13 -9.73
CA THR A 142 3.11 20.66 -9.73
C THR A 142 3.18 19.24 -10.19
N LYS A 143 2.33 18.38 -9.67
CA LYS A 143 2.36 16.97 -10.07
CA LYS A 143 2.38 16.97 -10.07
C LYS A 143 1.32 16.62 -11.13
N GLY A 144 0.24 17.39 -11.22
CA GLY A 144 -0.89 17.00 -12.06
C GLY A 144 -1.78 16.03 -11.27
N SER A 145 -3.09 16.11 -11.46
CA SER A 145 -4.00 15.21 -10.75
C SER A 145 -4.88 14.51 -11.75
N ALA A 146 -5.18 13.24 -11.46
CA ALA A 146 -6.21 12.55 -12.22
C ALA A 146 -7.61 12.66 -11.56
N ASN A 147 -7.74 13.37 -10.44
CA ASN A 147 -9.01 13.55 -9.75
C ASN A 147 -9.77 14.82 -10.09
N ASP A 148 -11.05 14.85 -9.74
CA ASP A 148 -11.84 16.09 -9.81
C ASP A 148 -11.44 16.99 -8.65
N ARG A 149 -11.40 18.28 -8.88
CA ARG A 149 -11.21 19.21 -7.75
C ARG A 149 -12.35 19.05 -6.78
N PRO A 150 -12.05 18.75 -5.50
CA PRO A 150 -13.14 18.38 -4.57
C PRO A 150 -13.87 19.59 -3.95
N ASP A 151 -14.39 20.45 -4.82
CA ASP A 151 -14.95 21.71 -4.42
C ASP A 151 -16.46 21.80 -4.60
N PHE A 152 -17.09 20.67 -4.86
CA PHE A 152 -18.55 20.57 -5.14
C PHE A 152 -19.37 19.90 -4.02
N PHE A 153 -18.71 19.57 -2.93
CA PHE A 153 -19.39 19.03 -1.76
C PHE A 153 -20.10 20.09 -0.96
N LYS A 154 -21.30 19.76 -0.51
CA LYS A 154 -22.14 20.66 0.27
C LYS A 154 -21.81 20.52 1.74
N ASP A 155 -22.36 21.41 2.53
CA ASP A 155 -22.11 21.43 3.96
C ASP A 155 -22.55 20.19 4.71
N ASP A 156 -23.53 19.44 4.20
CA ASP A 156 -23.95 18.19 4.87
C ASP A 156 -23.23 16.93 4.38
N GLN A 157 -22.23 17.11 3.51
CA GLN A 157 -21.53 15.97 2.93
C GLN A 157 -20.77 15.20 4.02
N LEU A 158 -20.82 13.88 3.98
CA LEU A 158 -20.01 13.04 4.88
C LEU A 158 -18.75 12.57 4.24
N PHE A 159 -17.73 12.38 5.08
CA PHE A 159 -16.49 11.74 4.72
C PHE A 159 -16.04 10.75 5.82
N ILE A 160 -15.25 9.76 5.43
CA ILE A 160 -14.40 9.05 6.39
C ILE A 160 -12.96 9.61 6.30
N VAL A 161 -12.38 9.94 7.43
CA VAL A 161 -11.02 10.45 7.54
C VAL A 161 -10.21 9.45 8.34
N LEU A 162 -9.26 8.84 7.67
CA LEU A 162 -8.38 7.82 8.31
C LEU A 162 -7.05 8.45 8.49
N GLU A 163 -6.60 8.51 9.74
CA GLU A 163 -5.28 9.01 9.99
C GLU A 163 -4.29 7.86 10.24
N PHE A 164 -3.29 7.82 9.40
CA PHE A 164 -2.21 6.84 9.43
C PHE A 164 -0.85 7.47 9.86
N GLU A 165 0.02 6.63 10.40
CA GLU A 165 1.44 6.88 10.46
C GLU A 165 1.96 7.34 9.11
N PHE A 166 2.88 8.33 9.07
CA PHE A 166 3.52 8.73 7.78
C PHE A 166 4.55 7.64 7.41
N GLY A 167 4.40 7.01 6.24
CA GLY A 167 5.27 5.85 5.92
C GLY A 167 6.43 6.20 4.96
N GLY A 168 6.60 7.48 4.64
CA GLY A 168 7.65 7.90 3.70
C GLY A 168 7.17 8.10 2.26
N ILE A 169 8.01 7.75 1.30
CA ILE A 169 7.72 8.09 -0.11
C ILE A 169 7.51 6.81 -0.88
N ASP A 170 6.57 6.82 -1.82
CA ASP A 170 6.29 5.63 -2.55
C ASP A 170 7.38 5.23 -3.52
N LEU A 171 7.41 3.95 -3.79
CA LEU A 171 8.44 3.35 -4.58
C LEU A 171 8.53 3.93 -6.00
N GLU A 172 7.39 4.28 -6.61
CA GLU A 172 7.41 4.93 -7.90
C GLU A 172 8.20 6.24 -7.84
N GLN A 173 7.94 7.09 -6.83
CA GLN A 173 8.65 8.38 -6.67
C GLN A 173 10.07 8.18 -6.22
N MET A 174 10.38 7.01 -5.69
CA MET A 174 11.78 6.70 -5.31
C MET A 174 12.53 5.92 -6.39
N ARG A 175 11.98 5.82 -7.60
CA ARG A 175 12.59 4.91 -8.57
C ARG A 175 14.01 5.33 -9.06
N THR A 176 14.37 6.60 -8.89
CA THR A 176 15.72 7.08 -9.18
C THR A 176 16.51 7.37 -7.88
N LYS A 177 15.97 7.00 -6.71
CA LYS A 177 16.60 7.34 -5.42
C LYS A 177 17.13 6.18 -4.61
N LEU A 178 17.02 4.94 -5.07
CA LEU A 178 17.56 3.83 -4.31
C LEU A 178 19.06 3.78 -4.49
N SER A 179 19.80 3.51 -3.40
CA SER A 179 21.28 3.50 -3.54
C SER A 179 21.87 2.47 -4.44
N SER A 180 21.51 1.22 -4.23
CA SER A 180 22.21 0.09 -4.84
C SER A 180 21.34 -1.10 -5.00
N LEU A 181 21.89 -2.12 -5.64
CA LEU A 181 21.14 -3.35 -5.76
C LEU A 181 20.86 -3.96 -4.38
N ALA A 182 21.74 -3.76 -3.40
CA ALA A 182 21.43 -4.21 -2.03
C ALA A 182 20.13 -3.62 -1.47
N THR A 183 19.87 -2.37 -1.81
CA THR A 183 18.65 -1.69 -1.39
C THR A 183 17.45 -2.42 -2.01
N ALA A 184 17.55 -2.73 -3.31
CA ALA A 184 16.50 -3.50 -3.99
C ALA A 184 16.23 -4.84 -3.32
N LYS A 185 17.25 -5.60 -2.96
CA LYS A 185 17.06 -6.89 -2.30
CA LYS A 185 17.07 -6.89 -2.30
C LYS A 185 16.39 -6.73 -0.94
N SER A 186 16.78 -5.69 -0.18
CA SER A 186 16.19 -5.46 1.13
C SER A 186 14.72 -5.14 1.00
N ILE A 187 14.37 -4.31 0.03
CA ILE A 187 12.95 -3.94 -0.14
C ILE A 187 12.11 -5.18 -0.47
N LEU A 188 12.63 -6.03 -1.40
CA LEU A 188 11.91 -7.26 -1.75
C LEU A 188 11.79 -8.25 -0.59
N HIS A 189 12.85 -8.35 0.18
CA HIS A 189 12.85 -9.18 1.36
C HIS A 189 11.87 -8.69 2.42
N GLN A 190 11.88 -7.38 2.69
CA GLN A 190 10.90 -6.81 3.63
C GLN A 190 9.43 -7.05 3.16
N LEU A 191 9.17 -6.81 1.87
CA LEU A 191 7.83 -7.01 1.32
C LEU A 191 7.40 -8.44 1.51
N THR A 192 8.31 -9.36 1.16
CA THR A 192 7.97 -10.79 1.23
C THR A 192 7.67 -11.21 2.64
N ALA A 193 8.46 -10.76 3.56
CA ALA A 193 8.24 -11.15 4.96
C ALA A 193 6.97 -10.58 5.51
N SER A 194 6.71 -9.32 5.20
CA SER A 194 5.47 -8.68 5.68
C SER A 194 4.25 -9.42 5.19
N LEU A 195 4.25 -9.76 3.92
CA LEU A 195 3.15 -10.52 3.36
C LEU A 195 3.03 -11.87 4.00
N ALA A 196 4.16 -12.55 4.20
CA ALA A 196 4.13 -13.87 4.83
C ALA A 196 3.51 -13.82 6.22
N VAL A 197 3.90 -12.83 7.00
CA VAL A 197 3.36 -12.74 8.35
C VAL A 197 1.86 -12.49 8.31
N ALA A 198 1.40 -11.64 7.38
CA ALA A 198 -0.05 -11.37 7.23
C ALA A 198 -0.86 -12.60 6.71
N GLU A 199 -0.23 -13.36 5.81
CA GLU A 199 -0.74 -14.65 5.39
C GLU A 199 -0.93 -15.53 6.59
N ALA A 200 0.12 -15.63 7.41
CA ALA A 200 0.11 -16.60 8.49
C ALA A 200 -0.90 -16.20 9.56
N SER A 201 -1.05 -14.89 9.82
CA SER A 201 -1.91 -14.41 10.89
CA SER A 201 -1.92 -14.47 10.91
C SER A 201 -3.38 -14.29 10.45
N LEU A 202 -3.57 -13.82 9.24
CA LEU A 202 -4.87 -13.35 8.79
C LEU A 202 -5.37 -13.90 7.44
N ARG A 203 -4.66 -14.86 6.86
CA ARG A 203 -4.94 -15.29 5.50
C ARG A 203 -5.17 -14.05 4.58
N PHE A 204 -4.20 -13.13 4.68
CA PHE A 204 -4.20 -11.86 3.97
C PHE A 204 -3.72 -11.96 2.54
N GLU A 205 -4.43 -11.23 1.70
CA GLU A 205 -4.02 -10.89 0.33
C GLU A 205 -4.17 -9.42 0.15
N HIS A 206 -3.11 -8.75 -0.39
CA HIS A 206 -3.22 -7.36 -0.63
C HIS A 206 -4.11 -7.02 -1.82
N ARG A 207 -3.83 -7.70 -2.94
CA ARG A 207 -4.60 -7.66 -4.17
C ARG A 207 -4.49 -6.38 -5.02
N ASP A 208 -3.62 -5.43 -4.62
CA ASP A 208 -3.49 -4.18 -5.31
C ASP A 208 -2.15 -3.51 -5.02
N LEU A 209 -1.05 -4.30 -5.05
CA LEU A 209 0.24 -3.86 -4.55
C LEU A 209 1.12 -3.29 -5.61
N HIS A 210 0.54 -2.35 -6.35
CA HIS A 210 1.26 -1.57 -7.29
C HIS A 210 2.25 -0.69 -6.55
N TRP A 211 3.18 -0.10 -7.30
CA TRP A 211 4.32 0.59 -6.67
C TRP A 211 4.00 1.95 -5.99
N GLY A 212 2.78 2.46 -6.13
CA GLY A 212 2.29 3.57 -5.30
C GLY A 212 2.02 3.14 -3.87
N ASN A 213 1.88 1.84 -3.67
CA ASN A 213 1.47 1.27 -2.39
C ASN A 213 2.57 0.61 -1.60
N VAL A 214 3.81 0.88 -2.00
CA VAL A 214 4.97 0.49 -1.25
C VAL A 214 5.69 1.77 -0.85
N LEU A 215 5.82 2.03 0.45
CA LEU A 215 6.43 3.25 0.93
C LEU A 215 7.80 2.95 1.55
N LEU A 216 8.74 3.89 1.32
CA LEU A 216 10.06 3.81 1.84
C LEU A 216 10.36 4.98 2.77
N LYS A 217 10.87 4.70 3.95
CA LYS A 217 11.28 5.76 4.88
C LYS A 217 12.65 5.41 5.42
N LYS A 218 13.50 6.43 5.61
CA LYS A 218 14.81 6.20 6.17
C LYS A 218 14.70 5.68 7.58
N THR A 219 15.58 4.77 7.95
CA THR A 219 15.66 4.27 9.32
C THR A 219 17.12 4.14 9.69
N SER A 220 17.43 4.35 10.97
CA SER A 220 18.79 4.15 11.42
C SER A 220 18.96 2.75 11.97
N LEU A 221 17.89 1.97 11.98
CA LEU A 221 18.06 0.56 12.28
C LEU A 221 18.82 -0.13 11.18
N LYS A 222 19.84 -0.89 11.58
CA LYS A 222 20.61 -1.70 10.63
C LYS A 222 19.86 -2.97 10.21
N LYS A 223 19.10 -3.53 11.15
CA LYS A 223 18.24 -4.63 10.82
C LYS A 223 16.83 -4.52 11.42
N LEU A 224 15.91 -5.10 10.67
CA LEU A 224 14.49 -5.06 10.96
C LEU A 224 14.08 -6.45 11.42
N HIS A 225 13.09 -6.51 12.32
CA HIS A 225 12.70 -7.75 12.96
C HIS A 225 11.33 -8.15 12.52
N TYR A 226 11.14 -9.46 12.31
CA TYR A 226 9.78 -9.97 12.20
C TYR A 226 9.69 -11.30 12.89
N THR A 227 8.47 -11.73 13.20
CA THR A 227 8.21 -13.05 13.79
C THR A 227 7.15 -13.77 12.94
N LEU A 228 7.50 -14.97 12.47
CA LEU A 228 6.62 -15.78 11.66
C LEU A 228 6.37 -17.06 12.39
N ASN A 229 5.11 -17.24 12.79
CA ASN A 229 4.70 -18.43 13.50
C ASN A 229 5.67 -18.74 14.63
N GLY A 230 5.94 -17.73 15.45
CA GLY A 230 6.75 -17.92 16.66
C GLY A 230 8.26 -17.88 16.43
N LYS A 231 8.70 -17.85 15.18
CA LYS A 231 10.13 -17.76 14.87
C LYS A 231 10.51 -16.34 14.42
N SER A 232 11.45 -15.75 15.16
CA SER A 232 11.91 -14.37 14.90
C SER A 232 13.15 -14.39 14.04
N SER A 233 13.19 -13.49 13.09
CA SER A 233 14.30 -13.32 12.18
C SER A 233 14.54 -11.84 11.91
N THR A 234 15.64 -11.53 11.25
CA THR A 234 15.97 -10.14 10.91
C THR A 234 16.32 -10.01 9.44
N ILE A 235 16.22 -8.79 8.95
CA ILE A 235 16.54 -8.50 7.57
C ILE A 235 17.37 -7.22 7.58
N PRO A 236 18.56 -7.21 6.90
CA PRO A 236 19.27 -5.93 6.82
C PRO A 236 18.45 -4.87 6.12
N SER A 237 18.35 -3.71 6.76
CA SER A 237 17.46 -2.66 6.27
C SER A 237 17.99 -1.93 5.06
N CYS A 238 19.33 -1.91 4.89
CA CYS A 238 19.98 -0.97 3.96
C CYS A 238 19.43 0.44 4.13
N GLY A 239 19.13 0.82 5.36
CA GLY A 239 18.72 2.18 5.64
C GLY A 239 17.29 2.51 5.36
N LEU A 240 16.43 1.53 5.01
CA LEU A 240 15.09 1.85 4.70
C LEU A 240 14.13 0.90 5.39
N GLN A 241 13.03 1.47 5.86
CA GLN A 241 11.88 0.69 6.36
C GLN A 241 10.78 0.80 5.31
N VAL A 242 10.27 -0.36 4.91
CA VAL A 242 9.24 -0.44 3.96
C VAL A 242 7.88 -0.55 4.66
N SER A 243 6.93 0.20 4.15
CA SER A 243 5.51 0.06 4.53
C SER A 243 4.61 -0.23 3.32
N ILE A 244 3.75 -1.24 3.48
CA ILE A 244 2.69 -1.61 2.55
C ILE A 244 1.39 -0.92 2.99
N ILE A 245 0.80 -0.14 2.07
CA ILE A 245 -0.43 0.63 2.32
C ILE A 245 -1.56 0.30 1.35
N ASP A 246 -2.72 0.87 1.70
CA ASP A 246 -3.93 0.91 0.86
C ASP A 246 -4.63 -0.42 0.66
N TYR A 247 -5.57 -0.71 1.55
CA TYR A 247 -6.21 -2.02 1.63
C TYR A 247 -7.63 -2.00 1.04
N THR A 248 -7.85 -1.06 0.13
CA THR A 248 -9.11 -0.91 -0.56
C THR A 248 -9.63 -2.22 -1.20
N LEU A 249 -8.73 -2.99 -1.84
CA LEU A 249 -9.10 -4.22 -2.51
C LEU A 249 -8.68 -5.47 -1.78
N SER A 250 -8.20 -5.33 -0.56
CA SER A 250 -7.55 -6.44 0.15
C SER A 250 -8.60 -7.40 0.78
N ARG A 251 -8.10 -8.52 1.31
CA ARG A 251 -8.87 -9.57 1.82
C ARG A 251 -8.15 -10.19 3.00
N LEU A 252 -8.89 -10.52 4.06
CA LEU A 252 -8.36 -11.36 5.10
C LEU A 252 -9.54 -12.06 5.78
N GLU A 253 -9.25 -12.92 6.73
CA GLU A 253 -10.32 -13.42 7.62
C GLU A 253 -9.90 -13.38 9.09
N ARG A 254 -10.87 -13.26 9.97
CA ARG A 254 -10.65 -13.31 11.42
C ARG A 254 -11.89 -13.94 11.98
N ASP A 255 -11.72 -14.98 12.77
CA ASP A 255 -12.85 -15.75 13.29
C ASP A 255 -13.61 -16.41 12.17
N GLY A 256 -12.91 -16.74 11.09
CA GLY A 256 -13.56 -17.35 9.94
C GLY A 256 -14.67 -16.48 9.39
N ILE A 257 -14.54 -15.17 9.60
CA ILE A 257 -15.34 -14.20 8.87
C ILE A 257 -14.40 -13.53 7.86
N VAL A 258 -14.75 -13.60 6.59
CA VAL A 258 -13.90 -13.08 5.55
C VAL A 258 -14.29 -11.63 5.34
N VAL A 259 -13.31 -10.79 5.17
CA VAL A 259 -13.51 -9.38 4.91
C VAL A 259 -12.80 -9.12 3.58
N PHE A 260 -13.46 -8.56 2.59
CA PHE A 260 -12.88 -8.48 1.25
C PHE A 260 -13.68 -7.55 0.37
N CYS A 261 -13.13 -7.25 -0.79
CA CYS A 261 -13.84 -6.44 -1.76
C CYS A 261 -14.19 -7.36 -2.90
N ASP A 262 -15.47 -7.53 -3.13
CA ASP A 262 -15.95 -8.39 -4.26
C ASP A 262 -15.90 -7.57 -5.56
N VAL A 263 -14.87 -7.81 -6.35
CA VAL A 263 -14.64 -7.12 -7.61
C VAL A 263 -15.02 -8.04 -8.80
N SER A 264 -15.79 -9.11 -8.55
CA SER A 264 -16.18 -10.06 -9.59
C SER A 264 -16.90 -9.37 -10.75
N MET A 265 -17.62 -8.28 -10.51
CA MET A 265 -18.40 -7.62 -11.56
C MET A 265 -17.76 -6.34 -12.05
N ASP A 266 -16.52 -6.10 -11.63
CA ASP A 266 -15.86 -4.86 -11.99
C ASP A 266 -14.96 -5.07 -13.22
N GLU A 267 -15.55 -4.98 -14.40
CA GLU A 267 -14.83 -5.35 -15.62
C GLU A 267 -13.61 -4.51 -15.91
N ASP A 268 -13.72 -3.19 -15.68
CA ASP A 268 -12.59 -2.32 -15.99
C ASP A 268 -11.37 -2.56 -15.10
N LEU A 269 -11.51 -3.26 -13.98
CA LEU A 269 -10.32 -3.66 -13.21
C LEU A 269 -9.39 -4.56 -14.04
N PHE A 270 -9.98 -5.26 -15.02
CA PHE A 270 -9.33 -6.34 -15.74
C PHE A 270 -8.97 -6.05 -17.18
N THR A 271 -9.15 -4.81 -17.61
CA THR A 271 -8.94 -4.45 -19.01
C THR A 271 -7.82 -3.42 -19.24
N GLY A 272 -7.02 -3.15 -18.21
CA GLY A 272 -5.91 -2.21 -18.40
C GLY A 272 -4.80 -2.79 -19.27
N ASP A 273 -4.02 -1.93 -19.91
CA ASP A 273 -2.82 -2.36 -20.60
C ASP A 273 -1.72 -1.30 -20.50
N GLY A 274 -0.48 -1.70 -20.83
CA GLY A 274 0.66 -0.77 -20.89
C GLY A 274 1.58 -0.83 -19.69
N ASP A 275 1.26 -1.69 -18.75
CA ASP A 275 2.08 -1.91 -17.57
C ASP A 275 1.77 -3.32 -17.10
N TYR A 276 2.76 -4.04 -16.64
CA TYR A 276 2.53 -5.37 -16.13
C TYR A 276 1.55 -5.37 -14.95
N GLN A 277 1.47 -4.26 -14.20
CA GLN A 277 0.46 -4.10 -13.14
C GLN A 277 -0.91 -4.65 -13.57
N PHE A 278 -1.32 -4.29 -14.79
CA PHE A 278 -2.70 -4.58 -15.25
C PHE A 278 -2.91 -6.06 -15.63
N ASP A 279 -1.81 -6.75 -15.96
CA ASP A 279 -1.84 -8.24 -16.07
C ASP A 279 -2.07 -8.88 -14.70
N ILE A 280 -1.58 -8.24 -13.64
CA ILE A 280 -1.73 -8.90 -12.32
C ILE A 280 -3.19 -9.10 -11.93
N TYR A 281 -4.05 -8.13 -12.20
CA TYR A 281 -5.47 -8.29 -11.93
C TYR A 281 -6.03 -9.48 -12.74
N ARG A 282 -5.72 -9.55 -14.04
CA ARG A 282 -6.16 -10.68 -14.88
C ARG A 282 -5.66 -12.01 -14.33
N LEU A 283 -4.42 -12.03 -13.88
CA LEU A 283 -3.81 -13.27 -13.37
C LEU A 283 -4.35 -13.72 -12.03
N MET A 284 -4.69 -12.76 -11.17
CA MET A 284 -5.46 -13.04 -9.95
C MET A 284 -6.84 -13.69 -10.23
N LYS A 285 -7.62 -13.10 -11.14
CA LYS A 285 -8.90 -13.65 -11.54
C LYS A 285 -8.78 -15.08 -12.03
N LYS A 286 -7.70 -15.34 -12.78
CA LYS A 286 -7.42 -16.71 -13.28
C LYS A 286 -7.17 -17.65 -12.13
N GLU A 287 -6.35 -17.20 -11.19
CA GLU A 287 -6.00 -18.02 -10.03
C GLU A 287 -7.23 -18.32 -9.21
N ASN A 288 -8.11 -17.33 -9.02
CA ASN A 288 -9.26 -17.52 -8.12
C ASN A 288 -10.60 -17.87 -8.78
N ASN A 289 -10.59 -18.01 -10.10
CA ASN A 289 -11.81 -18.32 -10.84
C ASN A 289 -12.88 -17.26 -10.57
N ASN A 290 -12.43 -16.03 -10.49
CA ASN A 290 -13.26 -14.90 -10.21
C ASN A 290 -14.04 -14.98 -8.88
N ARG A 291 -13.53 -15.77 -7.95
CA ARG A 291 -14.18 -15.93 -6.67
C ARG A 291 -13.34 -15.26 -5.56
N TRP A 292 -13.69 -14.03 -5.22
CA TRP A 292 -12.80 -13.14 -4.45
C TRP A 292 -12.92 -13.37 -2.96
N GLY A 293 -13.94 -14.08 -2.54
CA GLY A 293 -14.07 -14.45 -1.14
C GLY A 293 -13.08 -15.53 -0.71
N GLU A 294 -12.63 -16.38 -1.64
CA GLU A 294 -11.70 -17.44 -1.28
C GLU A 294 -10.29 -16.89 -0.94
N TYR A 295 -9.48 -17.69 -0.26
CA TYR A 295 -8.06 -17.36 0.02
C TYR A 295 -7.16 -17.95 -1.04
N HIS A 296 -6.53 -17.08 -1.80
CA HIS A 296 -5.50 -17.51 -2.76
C HIS A 296 -4.21 -16.69 -2.58
N PRO A 297 -3.32 -17.13 -1.66
CA PRO A 297 -2.05 -16.41 -1.35
C PRO A 297 -1.08 -16.29 -2.52
N TYR A 298 -1.39 -17.04 -3.59
CA TYR A 298 -0.64 -16.92 -4.78
C TYR A 298 -0.74 -15.51 -5.32
N SER A 299 -1.83 -14.77 -5.05
CA SER A 299 -1.91 -13.38 -5.51
C SER A 299 -0.77 -12.52 -4.95
N ASN A 300 -0.39 -12.80 -3.71
CA ASN A 300 0.73 -12.11 -3.09
C ASN A 300 2.01 -12.40 -3.84
N VAL A 301 2.13 -13.63 -4.34
CA VAL A 301 3.28 -14.01 -5.18
C VAL A 301 3.27 -13.20 -6.49
N LEU A 302 2.08 -13.13 -7.12
CA LEU A 302 1.96 -12.35 -8.37
C LEU A 302 2.36 -10.91 -8.14
N TRP A 303 1.90 -10.30 -7.03
CA TRP A 303 2.29 -8.88 -6.77
C TRP A 303 3.80 -8.71 -6.50
N LEU A 304 4.38 -9.64 -5.78
CA LEU A 304 5.83 -9.67 -5.54
C LEU A 304 6.63 -9.78 -6.84
N HIS A 305 6.08 -10.54 -7.77
CA HIS A 305 6.68 -10.68 -9.08
C HIS A 305 6.64 -9.43 -9.85
N TYR A 306 5.49 -8.76 -9.84
CA TYR A 306 5.37 -7.44 -10.42
C TYR A 306 6.36 -6.43 -9.79
N LEU A 307 6.52 -6.46 -8.50
CA LEU A 307 7.46 -5.55 -7.83
C LEU A 307 8.95 -5.86 -8.19
N THR A 308 9.27 -7.13 -8.26
CA THR A 308 10.59 -7.58 -8.64
C THR A 308 10.88 -7.13 -10.10
N ASP A 309 9.84 -7.19 -10.94
CA ASP A 309 9.95 -6.74 -12.33
C ASP A 309 10.25 -5.23 -12.37
N LYS A 310 9.51 -4.48 -11.56
CA LYS A 310 9.79 -3.07 -11.40
C LYS A 310 11.22 -2.81 -10.93
N MET A 311 11.68 -3.54 -9.93
CA MET A 311 13.09 -3.37 -9.46
C MET A 311 14.13 -3.57 -10.54
N LEU A 312 13.88 -4.54 -11.41
CA LEU A 312 14.80 -4.87 -12.46
C LEU A 312 14.76 -4.01 -13.68
N LYS A 313 13.64 -3.35 -13.93
CA LYS A 313 13.43 -2.64 -15.21
C LYS A 313 13.17 -1.16 -15.05
N GLN A 314 12.69 -0.71 -13.90
CA GLN A 314 12.29 0.71 -13.79
CA GLN A 314 12.25 0.70 -13.75
C GLN A 314 13.09 1.54 -12.79
N MET A 315 14.09 0.95 -12.15
CA MET A 315 14.88 1.67 -11.15
C MET A 315 16.20 2.15 -11.73
N THR A 316 16.60 3.38 -11.42
CA THR A 316 17.93 3.85 -11.74
C THR A 316 18.63 4.01 -10.42
N PHE A 317 19.53 3.06 -10.12
CA PHE A 317 20.20 3.06 -8.83
C PHE A 317 21.25 4.15 -8.80
N LYS A 318 21.38 4.82 -7.66
CA LYS A 318 22.33 5.92 -7.58
C LYS A 318 23.75 5.42 -7.84
N THR A 319 24.06 4.19 -7.38
CA THR A 319 25.39 3.63 -7.58
C THR A 319 25.44 2.68 -8.77
N LYS A 320 24.39 2.73 -9.60
CA LYS A 320 24.29 1.92 -10.80
C LYS A 320 24.45 0.44 -10.47
N CYS A 321 25.40 -0.25 -11.10
CA CYS A 321 25.57 -1.67 -10.86
C CYS A 321 26.94 -2.06 -11.38
N ASN A 322 27.93 -1.72 -10.58
CA ASN A 322 29.26 -1.50 -11.10
C ASN A 322 30.35 -2.36 -10.51
N THR A 323 30.00 -3.23 -9.59
CA THR A 323 31.02 -4.11 -9.01
C THR A 323 30.57 -5.53 -9.21
N PRO A 324 31.50 -6.48 -9.06
CA PRO A 324 31.06 -7.88 -9.10
C PRO A 324 30.01 -8.21 -8.03
N ALA A 325 30.12 -7.66 -6.82
CA ALA A 325 29.09 -7.97 -5.77
C ALA A 325 27.71 -7.44 -6.12
N MET A 326 27.64 -6.23 -6.66
CA MET A 326 26.35 -5.65 -7.04
C MET A 326 25.77 -6.42 -8.26
N LYS A 327 26.63 -6.78 -9.20
CA LYS A 327 26.15 -7.59 -10.33
C LYS A 327 25.60 -8.94 -9.90
N GLN A 328 26.25 -9.52 -8.89
CA GLN A 328 25.79 -10.75 -8.32
C GLN A 328 24.40 -10.59 -7.69
N ILE A 329 24.18 -9.49 -6.97
CA ILE A 329 22.87 -9.26 -6.42
C ILE A 329 21.85 -9.10 -7.54
N LYS A 330 22.19 -8.40 -8.59
CA LYS A 330 21.27 -8.28 -9.70
C LYS A 330 20.93 -9.64 -10.30
N ARG A 331 21.94 -10.53 -10.44
CA ARG A 331 21.72 -11.90 -10.97
CA ARG A 331 21.69 -11.87 -10.98
C ARG A 331 20.79 -12.69 -10.04
N LYS A 332 20.99 -12.56 -8.71
CA LYS A 332 20.15 -13.28 -7.77
C LYS A 332 18.70 -12.80 -7.89
N ILE A 333 18.51 -11.50 -8.00
CA ILE A 333 17.16 -10.97 -8.19
C ILE A 333 16.51 -11.38 -9.53
N GLN A 334 17.27 -11.45 -10.59
CA GLN A 334 16.74 -11.99 -11.86
C GLN A 334 16.34 -13.45 -11.69
N GLU A 335 17.16 -14.23 -10.98
CA GLU A 335 16.82 -15.64 -10.68
CA GLU A 335 16.82 -15.64 -10.70
C GLU A 335 15.52 -15.77 -9.88
N PHE A 336 15.37 -14.92 -8.86
CA PHE A 336 14.13 -14.80 -8.14
C PHE A 336 12.98 -14.50 -9.11
N HIS A 337 13.17 -13.54 -9.99
CA HIS A 337 12.12 -13.18 -10.95
C HIS A 337 11.67 -14.39 -11.85
N ARG A 338 12.63 -15.22 -12.24
CA ARG A 338 12.40 -16.34 -13.14
C ARG A 338 11.80 -17.57 -12.43
N THR A 339 11.85 -17.58 -11.13
CA THR A 339 11.51 -18.81 -10.36
C THR A 339 10.36 -18.63 -9.40
N MET A 340 10.17 -17.39 -8.94
CA MET A 340 9.27 -17.11 -7.83
C MET A 340 7.78 -17.45 -8.10
N LEU A 341 7.34 -17.37 -9.34
CA LEU A 341 5.98 -17.82 -9.72
C LEU A 341 5.68 -19.32 -9.52
N ASN A 342 6.71 -20.11 -9.21
CA ASN A 342 6.56 -21.51 -8.88
C ASN A 342 6.47 -21.73 -7.38
N PHE A 343 6.21 -20.66 -6.64
CA PHE A 343 5.95 -20.76 -5.23
C PHE A 343 4.49 -20.39 -4.96
N SER A 344 3.96 -20.90 -3.86
CA SER A 344 2.51 -20.90 -3.67
C SER A 344 2.01 -19.74 -2.79
N SER A 345 2.92 -19.07 -2.10
CA SER A 345 2.59 -17.97 -1.24
C SER A 345 3.83 -17.15 -0.93
N ALA A 346 3.64 -15.99 -0.30
CA ALA A 346 4.78 -15.23 0.23
C ALA A 346 5.51 -16.03 1.34
N THR A 347 4.75 -16.75 2.14
CA THR A 347 5.31 -17.59 3.18
C THR A 347 6.25 -18.69 2.55
N ASP A 348 5.79 -19.32 1.48
CA ASP A 348 6.58 -20.32 0.76
C ASP A 348 7.87 -19.64 0.20
N LEU A 349 7.73 -18.49 -0.39
CA LEU A 349 8.90 -17.75 -0.90
C LEU A 349 9.87 -17.43 0.22
N LEU A 350 9.37 -16.85 1.31
CA LEU A 350 10.27 -16.45 2.39
C LEU A 350 11.01 -17.64 2.99
N CYS A 351 10.25 -18.73 3.25
CA CYS A 351 10.78 -19.89 3.91
C CYS A 351 11.64 -20.79 3.03
N GLN A 352 11.43 -20.75 1.72
CA GLN A 352 12.08 -21.76 0.86
CA GLN A 352 12.07 -21.75 0.83
C GLN A 352 12.94 -21.16 -0.24
N HIS A 353 12.68 -19.93 -0.66
CA HIS A 353 13.43 -19.39 -1.78
C HIS A 353 14.91 -19.07 -1.42
N SER A 354 15.85 -19.48 -2.31
CA SER A 354 17.26 -19.27 -2.05
C SER A 354 17.68 -17.82 -1.86
N LEU A 355 16.92 -16.86 -2.39
CA LEU A 355 17.27 -15.47 -2.27
C LEU A 355 17.40 -15.02 -0.80
N PHE A 356 16.61 -15.62 0.06
CA PHE A 356 16.49 -15.20 1.47
C PHE A 356 17.28 -16.08 2.41
N LYS A 357 18.21 -16.87 1.85
CA LYS A 357 19.16 -17.60 2.68
C LYS A 357 20.45 -16.84 2.89
N ALA B 1 0.97 6.44 -9.89
CA ALA B 1 0.41 5.09 -9.94
C ALA B 1 -1.07 5.05 -9.52
N ARG B 2 -1.81 4.13 -10.11
CA ARG B 2 -3.23 4.03 -9.79
C ARG B 2 -3.73 2.62 -10.14
N THR B 3 -4.71 2.17 -9.41
CA THR B 3 -5.28 0.84 -9.58
C THR B 3 -5.72 0.60 -11.02
N LYS B 4 -6.43 1.58 -11.60
CA LYS B 4 -6.88 1.52 -12.98
C LYS B 4 -6.25 2.63 -13.78
N GLN B 5 -6.02 2.39 -15.05
CA GLN B 5 -5.30 3.39 -15.84
C GLN B 5 -6.13 4.65 -16.07
N THR B 6 -5.44 5.81 -16.06
CA THR B 6 -6.07 7.17 -16.00
C THR B 6 -5.02 8.32 -16.04
N ALA B 7 -4.98 9.04 -17.16
CA ALA B 7 -4.20 10.28 -17.26
C ALA B 7 -4.78 11.36 -16.32
#